data_4M4K
#
_entry.id   4M4K
#
_cell.length_a   82.680
_cell.length_b   82.680
_cell.length_c   131.486
_cell.angle_alpha   90.00
_cell.angle_beta   90.00
_cell.angle_gamma   90.00
#
_symmetry.space_group_name_H-M   'P 43 21 2'
#
loop_
_entity.id
_entity.type
_entity.pdbx_description
1 polymer 'Beta-4-galactosyltransferase 7'
2 branched beta-D-xylopyranose-(1-4)-beta-D-xylopyranose
3 non-polymer 'MANGANESE (II) ION'
4 non-polymer "GALACTOSE-URIDINE-5'-DIPHOSPHATE"
5 non-polymer 'CHLORIDE ION'
6 water water
#
_entity_poly.entity_id   1
_entity_poly.type   'polypeptide(L)'
_entity_poly.pdbx_seq_one_letter_code
;ASMTGGQQMGRGSGPMLIEFNIPVDLKLVEQQNPKVKLGGRYTPMDGASVHKMALLVPFRDRFEELLQFVPHMTAFLKRQ
GVAHHIFVLNQVDRFRFNRASLINVGFQFASDVYDYIAMHDVDLLPLNDNLLYEYPSSLGPLHIAGPKLHPKYHYDNFVG
GILLVRREHFKQMNGMSNQYWGWGLENDEFFVRIRDAGLQVTRPQNIKTGTNDTFSHIHNRYHRKRDTQKCFNQKEMTRK
RDHKTGLDNVKYKILKVHEMLIDQVPVTILNILLDCDVNKTPWCDCS
;
_entity_poly.pdbx_strand_id   A
#
loop_
_chem_comp.id
_chem_comp.type
_chem_comp.name
_chem_comp.formula
CL non-polymer 'CHLORIDE ION' 'Cl -1'
GDU non-polymer GALACTOSE-URIDINE-5'-DIPHOSPHATE 'C15 H24 N2 O17 P2'
MN non-polymer 'MANGANESE (II) ION' 'Mn 2'
XYP D-saccharide, beta linking beta-D-xylopyranose 'C5 H10 O5'
#
# COMPACT_ATOMS: atom_id res chain seq x y z
N VAL A 50 -3.54 -23.42 -3.45
CA VAL A 50 -2.73 -22.26 -3.80
C VAL A 50 -3.41 -20.93 -3.50
N HIS A 51 -2.80 -20.14 -2.64
CA HIS A 51 -3.25 -18.77 -2.41
C HIS A 51 -2.77 -17.87 -3.54
N LYS A 52 -3.43 -16.74 -3.74
CA LYS A 52 -2.99 -15.79 -4.77
C LYS A 52 -2.99 -14.35 -4.25
N MET A 53 -1.87 -13.67 -4.45
CA MET A 53 -1.66 -12.34 -3.87
C MET A 53 -1.89 -11.21 -4.88
N ALA A 54 -2.79 -10.30 -4.56
CA ALA A 54 -2.93 -9.08 -5.34
C ALA A 54 -1.89 -8.09 -4.84
N LEU A 55 -0.92 -7.80 -5.70
CA LEU A 55 0.18 -6.92 -5.34
C LEU A 55 -0.20 -5.49 -5.75
N LEU A 56 -0.66 -4.71 -4.78
CA LEU A 56 -1.26 -3.41 -5.03
C LEU A 56 -0.24 -2.31 -4.85
N VAL A 57 -0.03 -1.54 -5.91
CA VAL A 57 0.99 -0.50 -5.94
C VAL A 57 0.38 0.86 -6.23
N PRO A 58 -0.02 1.57 -5.17
CA PRO A 58 -0.46 2.97 -5.33
C PRO A 58 0.61 3.72 -6.08
N PHE A 59 0.21 4.50 -7.08
CA PHE A 59 1.18 4.98 -8.03
C PHE A 59 0.80 6.34 -8.62
N ARG A 60 1.77 7.25 -8.66
CA ARG A 60 1.69 8.42 -9.54
C ARG A 60 3.09 8.92 -9.84
N ASP A 61 3.39 9.04 -11.13
CA ASP A 61 4.65 9.62 -11.59
C ASP A 61 5.88 9.00 -10.92
N ARG A 62 5.97 7.68 -11.00
CA ARG A 62 7.12 6.94 -10.46
C ARG A 62 7.52 5.89 -11.49
N PHE A 63 7.67 6.34 -12.72
CA PHE A 63 7.82 5.45 -13.86
C PHE A 63 9.11 4.64 -13.79
N GLU A 64 10.23 5.30 -13.52
CA GLU A 64 11.47 4.54 -13.47
C GLU A 64 11.50 3.61 -12.27
N GLU A 65 10.89 4.02 -11.16
CA GLU A 65 10.77 3.13 -10.02
C GLU A 65 10.03 1.86 -10.45
N LEU A 66 8.94 2.06 -11.18
CA LEU A 66 8.12 0.94 -11.65
C LEU A 66 8.87 -0.02 -12.57
N LEU A 67 9.72 0.53 -13.44
CA LEU A 67 10.55 -0.29 -14.30
C LEU A 67 11.53 -1.16 -13.49
N GLN A 68 12.05 -0.67 -12.37
CA GLN A 68 12.88 -1.51 -11.51
C GLN A 68 12.00 -2.48 -10.71
N PHE A 69 10.81 -2.02 -10.34
CA PHE A 69 9.97 -2.74 -9.40
C PHE A 69 9.49 -4.07 -9.97
N VAL A 70 8.97 -4.01 -11.21
CA VAL A 70 8.33 -5.16 -11.83
C VAL A 70 9.23 -6.38 -12.01
N PRO A 71 10.39 -6.21 -12.68
CA PRO A 71 11.28 -7.37 -12.82
C PRO A 71 11.80 -7.86 -11.48
N HIS A 72 12.12 -6.95 -10.57
CA HIS A 72 12.64 -7.36 -9.27
C HIS A 72 11.63 -8.19 -8.48
N MET A 73 10.42 -7.66 -8.32
CA MET A 73 9.42 -8.36 -7.50
C MET A 73 8.99 -9.67 -8.13
N THR A 74 8.99 -9.71 -9.46
CA THR A 74 8.55 -10.91 -10.17
C THR A 74 9.53 -12.05 -9.95
N ALA A 75 10.81 -11.77 -10.13
CA ALA A 75 11.85 -12.75 -9.85
C ALA A 75 11.79 -13.19 -8.39
N PHE A 76 11.77 -12.22 -7.49
CA PHE A 76 11.79 -12.45 -6.06
C PHE A 76 10.64 -13.39 -5.63
N LEU A 77 9.44 -13.09 -6.12
CA LEU A 77 8.27 -13.87 -5.75
C LEU A 77 8.24 -15.24 -6.43
N LYS A 78 8.80 -15.33 -7.64
CA LYS A 78 8.90 -16.62 -8.33
C LYS A 78 9.79 -17.58 -7.56
N ARG A 79 10.86 -17.07 -6.96
CA ARG A 79 11.77 -17.91 -6.20
C ARG A 79 11.11 -18.55 -5.00
N GLN A 80 10.15 -17.86 -4.39
CA GLN A 80 9.48 -18.45 -3.23
C GLN A 80 8.10 -18.98 -3.60
N GLY A 81 7.86 -19.08 -4.91
CA GLY A 81 6.65 -19.69 -5.44
C GLY A 81 5.33 -18.98 -5.13
N VAL A 82 5.37 -17.67 -4.89
CA VAL A 82 4.15 -16.93 -4.59
C VAL A 82 3.39 -16.48 -5.85
N ALA A 83 2.21 -17.07 -6.08
CA ALA A 83 1.38 -16.66 -7.20
C ALA A 83 0.85 -15.26 -6.91
N HIS A 84 0.83 -14.41 -7.92
CA HIS A 84 0.50 -13.01 -7.69
C HIS A 84 0.32 -12.28 -9.00
N HIS A 85 -0.27 -11.10 -8.90
CA HIS A 85 -0.35 -10.20 -10.03
C HIS A 85 -0.18 -8.77 -9.55
N ILE A 86 0.50 -7.97 -10.34
CA ILE A 86 0.79 -6.59 -9.99
C ILE A 86 -0.27 -5.65 -10.55
N PHE A 87 -0.86 -4.84 -9.66
CA PHE A 87 -1.86 -3.85 -10.05
C PHE A 87 -1.29 -2.47 -9.74
N VAL A 88 -1.05 -1.70 -10.79
CA VAL A 88 -0.55 -0.34 -10.63
C VAL A 88 -1.75 0.57 -10.47
N LEU A 89 -1.87 1.20 -9.30
CA LEU A 89 -3.05 2.00 -8.99
C LEU A 89 -2.72 3.46 -9.27
N ASN A 90 -2.89 3.84 -10.53
CA ASN A 90 -2.47 5.14 -11.06
C ASN A 90 -3.51 6.20 -10.78
N GLN A 91 -3.18 7.13 -9.88
CA GLN A 91 -4.13 8.18 -9.51
C GLN A 91 -4.10 9.30 -10.54
N VAL A 92 -5.08 9.32 -11.43
CA VAL A 92 -5.08 10.29 -12.53
C VAL A 92 -5.91 11.54 -12.29
N ASP A 93 -6.61 11.62 -11.15
CA ASP A 93 -7.22 12.89 -10.76
C ASP A 93 -6.10 13.85 -10.40
N ARG A 94 -6.44 15.09 -10.10
CA ARG A 94 -5.41 16.08 -9.80
C ARG A 94 -5.36 16.43 -8.32
N PHE A 95 -5.98 15.61 -7.46
CA PHE A 95 -5.89 15.87 -6.03
C PHE A 95 -4.57 15.33 -5.52
N ARG A 96 -4.22 15.66 -4.28
CA ARG A 96 -2.97 15.19 -3.69
C ARG A 96 -2.96 13.66 -3.64
N PHE A 97 -1.77 13.08 -3.55
CA PHE A 97 -1.66 11.63 -3.57
C PHE A 97 -2.34 10.96 -2.40
N ASN A 98 -3.26 10.05 -2.70
CA ASN A 98 -4.03 9.37 -1.65
C ASN A 98 -3.79 7.86 -1.72
N ARG A 99 -2.70 7.43 -1.10
CA ARG A 99 -2.27 6.04 -1.14
C ARG A 99 -3.35 5.08 -0.66
N ALA A 100 -3.96 5.42 0.47
CA ALA A 100 -4.90 4.48 1.10
C ALA A 100 -6.19 4.30 0.26
N SER A 101 -6.72 5.40 -0.28
CA SER A 101 -7.90 5.27 -1.11
C SER A 101 -7.60 4.49 -2.37
N LEU A 102 -6.40 4.66 -2.93
CA LEU A 102 -6.00 3.86 -4.09
C LEU A 102 -5.97 2.37 -3.72
N ILE A 103 -5.49 2.06 -2.51
CA ILE A 103 -5.49 0.68 -2.01
C ILE A 103 -6.91 0.11 -1.98
N ASN A 104 -7.82 0.88 -1.40
CA ASN A 104 -9.22 0.51 -1.37
C ASN A 104 -9.77 0.21 -2.77
N VAL A 105 -9.50 1.11 -3.72
CA VAL A 105 -9.97 0.91 -5.09
C VAL A 105 -9.40 -0.38 -5.65
N GLY A 106 -8.08 -0.54 -5.53
CA GLY A 106 -7.43 -1.74 -6.01
C GLY A 106 -7.96 -3.02 -5.37
N PHE A 107 -8.28 -2.96 -4.09
CA PHE A 107 -8.89 -4.11 -3.44
C PHE A 107 -10.23 -4.44 -4.11
N GLN A 108 -11.09 -3.45 -4.29
CA GLN A 108 -12.38 -3.67 -4.96
C GLN A 108 -12.21 -4.25 -6.36
N PHE A 109 -11.28 -3.71 -7.13
CA PHE A 109 -11.08 -4.17 -8.50
C PHE A 109 -10.54 -5.61 -8.57
N ALA A 110 -9.58 -5.93 -7.70
CA ALA A 110 -8.96 -7.24 -7.74
C ALA A 110 -10.00 -8.34 -7.53
N SER A 111 -9.99 -9.32 -8.44
CA SER A 111 -10.99 -10.39 -8.41
C SER A 111 -10.87 -11.29 -7.17
N ASP A 112 -11.87 -12.16 -6.99
CA ASP A 112 -11.97 -13.07 -5.85
CA ASP A 112 -11.91 -13.01 -5.81
C ASP A 112 -10.80 -14.05 -5.77
N VAL A 113 -10.14 -14.29 -6.91
CA VAL A 113 -9.04 -15.27 -6.93
C VAL A 113 -7.93 -14.87 -5.96
N TYR A 114 -7.75 -13.57 -5.77
CA TYR A 114 -6.78 -13.05 -4.81
C TYR A 114 -7.38 -13.11 -3.41
N ASP A 115 -6.81 -13.96 -2.56
CA ASP A 115 -7.37 -14.16 -1.23
C ASP A 115 -6.56 -13.35 -0.23
N TYR A 116 -5.44 -12.82 -0.69
CA TYR A 116 -4.75 -11.75 0.05
C TYR A 116 -4.14 -10.67 -0.82
N ILE A 117 -3.89 -9.51 -0.20
CA ILE A 117 -3.28 -8.39 -0.89
C ILE A 117 -1.96 -8.03 -0.25
N ALA A 118 -1.10 -7.42 -1.03
CA ALA A 118 0.10 -6.79 -0.50
C ALA A 118 -0.04 -5.32 -0.85
N MET A 119 -0.10 -4.43 0.14
CA MET A 119 0.02 -3.02 -0.17
C MET A 119 1.51 -2.66 -0.19
N HIS A 120 1.98 -2.18 -1.34
CA HIS A 120 3.43 -2.16 -1.60
C HIS A 120 3.92 -0.82 -2.18
N ASP A 121 4.84 -0.15 -1.48
CA ASP A 121 5.53 0.99 -2.07
C ASP A 121 6.31 0.58 -3.31
N VAL A 122 6.34 1.44 -4.32
CA VAL A 122 6.98 1.09 -5.60
C VAL A 122 8.52 1.17 -5.52
N ASP A 123 9.03 1.83 -4.49
CA ASP A 123 10.47 2.14 -4.38
C ASP A 123 11.17 1.29 -3.31
N LEU A 124 10.46 0.29 -2.81
CA LEU A 124 10.94 -0.50 -1.67
C LEU A 124 11.05 -1.98 -2.05
N LEU A 125 12.29 -2.47 -2.15
CA LEU A 125 12.55 -3.78 -2.75
C LEU A 125 13.21 -4.70 -1.73
N PRO A 126 12.65 -5.90 -1.52
CA PRO A 126 13.22 -6.84 -0.54
C PRO A 126 14.53 -7.40 -1.05
N LEU A 127 15.53 -7.52 -0.18
CA LEU A 127 16.84 -7.99 -0.63
C LEU A 127 17.15 -9.33 0.00
N ASN A 128 16.25 -9.78 0.88
CA ASN A 128 16.44 -11.00 1.65
C ASN A 128 15.33 -11.99 1.32
N ASP A 129 15.69 -13.10 0.70
CA ASP A 129 14.72 -14.11 0.26
C ASP A 129 13.92 -14.74 1.42
N ASN A 130 14.33 -14.46 2.66
CA ASN A 130 13.62 -15.00 3.82
C ASN A 130 12.38 -14.19 4.20
N LEU A 131 12.25 -13.02 3.58
CA LEU A 131 11.04 -12.24 3.70
C LEU A 131 9.96 -12.94 2.87
N LEU A 132 9.11 -13.70 3.55
CA LEU A 132 8.11 -14.54 2.89
C LEU A 132 6.81 -13.80 2.68
N TYR A 133 6.42 -13.63 1.43
CA TYR A 133 5.18 -12.93 1.11
C TYR A 133 4.05 -13.94 1.13
N GLU A 134 3.89 -14.60 2.27
CA GLU A 134 2.96 -15.73 2.34
C GLU A 134 1.56 -15.27 2.76
N TYR A 135 0.59 -16.16 2.58
CA TYR A 135 -0.75 -15.97 3.08
C TYR A 135 -0.61 -15.73 4.59
N PRO A 136 -1.11 -14.58 5.07
CA PRO A 136 -1.00 -14.24 6.49
C PRO A 136 -1.75 -15.25 7.35
N SER A 137 -1.34 -15.39 8.61
CA SER A 137 -1.98 -16.33 9.53
C SER A 137 -3.31 -15.73 10.02
N SER A 138 -4.00 -16.46 10.88
CA SER A 138 -5.31 -15.99 11.37
C SER A 138 -5.16 -14.82 12.32
N LEU A 139 -3.94 -14.59 12.80
CA LEU A 139 -3.63 -13.50 13.73
C LEU A 139 -3.92 -12.09 13.16
N GLY A 140 -3.73 -11.93 11.85
CA GLY A 140 -3.92 -10.63 11.23
C GLY A 140 -2.87 -10.36 10.15
N PRO A 141 -2.65 -9.08 9.82
CA PRO A 141 -1.74 -8.74 8.72
C PRO A 141 -0.30 -9.17 8.99
N LEU A 142 0.41 -9.49 7.90
CA LEU A 142 1.83 -9.82 7.95
C LEU A 142 2.58 -8.61 7.42
N HIS A 143 3.35 -7.97 8.30
CA HIS A 143 4.11 -6.78 7.94
C HIS A 143 5.53 -7.15 7.54
N ILE A 144 5.85 -7.00 6.27
CA ILE A 144 7.14 -7.44 5.76
C ILE A 144 8.26 -6.45 6.08
N ALA A 145 7.94 -5.15 5.97
CA ALA A 145 8.96 -4.11 6.13
C ALA A 145 9.03 -3.63 7.56
N GLY A 146 9.31 -4.55 8.48
CA GLY A 146 9.31 -4.25 9.89
C GLY A 146 10.29 -3.16 10.28
N PRO A 147 9.99 -2.46 11.40
CA PRO A 147 10.81 -1.36 11.92
C PRO A 147 12.22 -1.79 12.30
N LYS A 148 12.47 -3.07 12.51
CA LYS A 148 13.83 -3.55 12.78
C LYS A 148 14.53 -3.88 11.48
N LEU A 149 13.83 -3.70 10.37
CA LEU A 149 14.37 -4.10 9.06
C LEU A 149 14.37 -2.94 8.07
N HIS A 150 13.48 -1.97 8.28
CA HIS A 150 13.33 -0.83 7.38
C HIS A 150 14.48 0.18 7.57
N PRO A 151 15.02 0.70 6.46
CA PRO A 151 16.15 1.63 6.48
C PRO A 151 15.86 2.96 7.17
N LYS A 152 14.58 3.33 7.30
CA LYS A 152 14.26 4.69 7.69
C LYS A 152 13.27 4.78 8.85
N TYR A 153 12.30 3.87 8.89
CA TYR A 153 11.24 3.95 9.90
C TYR A 153 11.33 2.84 10.91
N HIS A 154 11.48 3.21 12.18
CA HIS A 154 11.90 2.27 13.21
C HIS A 154 11.01 2.29 14.44
N TYR A 155 9.92 3.05 14.40
CA TYR A 155 8.99 2.99 15.53
C TYR A 155 8.23 1.66 15.53
N ASP A 156 7.87 1.20 16.73
CA ASP A 156 7.28 -0.13 16.94
C ASP A 156 6.02 -0.44 16.12
N ASN A 157 5.12 0.53 16.02
CA ASN A 157 3.87 0.29 15.31
C ASN A 157 3.89 0.72 13.84
N PHE A 158 5.09 0.86 13.28
CA PHE A 158 5.21 1.15 11.86
C PHE A 158 4.73 -0.06 11.07
N VAL A 159 3.71 0.14 10.23
CA VAL A 159 3.25 -0.93 9.35
C VAL A 159 3.22 -0.46 7.92
N GLY A 160 4.07 0.52 7.59
CA GLY A 160 4.12 1.04 6.25
C GLY A 160 4.98 0.22 5.30
N GLY A 161 5.15 0.72 4.08
CA GLY A 161 6.04 0.10 3.12
C GLY A 161 5.48 -1.15 2.47
N ILE A 162 5.46 -2.25 3.22
CA ILE A 162 4.96 -3.53 2.68
C ILE A 162 4.13 -4.24 3.74
N LEU A 163 2.84 -4.38 3.48
CA LEU A 163 1.90 -4.97 4.44
C LEU A 163 0.94 -5.92 3.73
N LEU A 164 0.92 -7.17 4.17
CA LEU A 164 0.10 -8.20 3.53
C LEU A 164 -1.17 -8.41 4.34
N VAL A 165 -2.31 -8.43 3.68
CA VAL A 165 -3.58 -8.53 4.40
C VAL A 165 -4.52 -9.50 3.71
N ARG A 166 -5.05 -10.46 4.47
CA ARG A 166 -6.07 -11.34 3.95
C ARG A 166 -7.26 -10.54 3.47
N ARG A 167 -7.91 -11.04 2.42
CA ARG A 167 -9.15 -10.44 1.93
C ARG A 167 -10.15 -10.22 3.07
N GLU A 168 -10.39 -11.27 3.86
CA GLU A 168 -11.41 -11.22 4.90
C GLU A 168 -11.10 -10.18 5.97
N HIS A 169 -9.82 -10.12 6.37
CA HIS A 169 -9.38 -9.15 7.37
C HIS A 169 -9.50 -7.72 6.83
N PHE A 170 -9.04 -7.50 5.60
CA PHE A 170 -9.20 -6.19 4.97
C PHE A 170 -10.68 -5.78 4.98
N LYS A 171 -11.58 -6.69 4.60
CA LYS A 171 -13.02 -6.41 4.60
C LYS A 171 -13.51 -6.13 6.03
N GLN A 172 -13.08 -6.97 6.96
CA GLN A 172 -13.44 -6.84 8.36
C GLN A 172 -13.12 -5.45 8.92
N MET A 173 -12.04 -4.85 8.46
CA MET A 173 -11.64 -3.53 8.96
C MET A 173 -12.21 -2.39 8.11
N ASN A 174 -13.05 -2.73 7.14
CA ASN A 174 -13.54 -1.73 6.18
C ASN A 174 -12.37 -1.03 5.51
N GLY A 175 -11.32 -1.82 5.23
CA GLY A 175 -10.17 -1.35 4.46
C GLY A 175 -9.43 -0.21 5.14
N MET A 176 -8.89 0.72 4.35
CA MET A 176 -8.17 1.86 4.92
C MET A 176 -9.04 3.11 4.93
N SER A 177 -8.69 4.06 5.80
CA SER A 177 -9.34 5.36 5.83
C SER A 177 -9.15 6.11 4.50
N ASN A 178 -10.14 6.91 4.10
CA ASN A 178 -10.03 7.67 2.85
C ASN A 178 -9.57 9.11 3.05
N GLN A 179 -9.29 9.50 4.29
CA GLN A 179 -9.09 10.93 4.55
C GLN A 179 -7.65 11.38 4.38
N TYR A 180 -6.77 10.45 4.03
CA TYR A 180 -5.36 10.78 3.96
C TYR A 180 -4.92 11.23 2.59
N TRP A 181 -5.04 12.54 2.36
CA TRP A 181 -4.54 13.16 1.14
C TRP A 181 -3.16 13.73 1.43
N GLY A 182 -2.19 13.39 0.59
CA GLY A 182 -0.82 13.80 0.83
C GLY A 182 -0.13 12.80 1.75
N TRP A 183 1.19 12.99 1.91
CA TRP A 183 2.02 12.06 2.66
C TRP A 183 1.59 11.88 4.11
N GLY A 184 1.64 10.62 4.57
CA GLY A 184 1.70 10.33 5.98
C GLY A 184 0.43 9.92 6.69
N LEU A 185 0.64 9.17 7.78
CA LEU A 185 -0.37 8.80 8.77
C LEU A 185 -1.35 7.70 8.37
N GLU A 186 -1.54 7.46 7.06
CA GLU A 186 -2.58 6.50 6.64
C GLU A 186 -2.32 5.10 7.20
N ASN A 187 -1.06 4.67 7.20
CA ASN A 187 -0.70 3.38 7.76
C ASN A 187 -0.82 3.31 9.29
N ASP A 188 -0.61 4.45 9.95
CA ASP A 188 -0.69 4.50 11.41
C ASP A 188 -2.12 4.36 11.91
N GLU A 189 -3.07 4.93 11.16
CA GLU A 189 -4.48 4.84 11.50
C GLU A 189 -4.92 3.43 11.21
N PHE A 190 -4.38 2.86 10.13
CA PHE A 190 -4.68 1.48 9.77
C PHE A 190 -4.23 0.52 10.87
N PHE A 191 -3.10 0.84 11.51
CA PHE A 191 -2.63 0.04 12.63
C PHE A 191 -3.69 0.00 13.70
N VAL A 192 -4.40 1.11 13.89
CA VAL A 192 -5.42 1.17 14.92
C VAL A 192 -6.64 0.36 14.49
N ARG A 193 -6.92 0.39 13.19
CA ARG A 193 -7.99 -0.42 12.61
C ARG A 193 -7.70 -1.88 12.87
N ILE A 194 -6.43 -2.26 12.83
CA ILE A 194 -6.03 -3.64 13.08
C ILE A 194 -6.31 -4.02 14.53
N ARG A 195 -5.90 -3.16 15.46
CA ARG A 195 -6.13 -3.40 16.88
C ARG A 195 -7.63 -3.42 17.20
N ASP A 196 -8.38 -2.50 16.61
CA ASP A 196 -9.82 -2.39 16.84
C ASP A 196 -10.58 -3.60 16.30
N ALA A 197 -10.01 -4.26 15.28
CA ALA A 197 -10.66 -5.44 14.70
C ALA A 197 -10.34 -6.71 15.48
N GLY A 198 -9.52 -6.59 16.51
CA GLY A 198 -9.18 -7.73 17.33
C GLY A 198 -8.04 -8.53 16.73
N LEU A 199 -7.34 -7.92 15.78
CA LEU A 199 -6.26 -8.60 15.08
C LEU A 199 -4.89 -8.12 15.57
N GLN A 200 -3.85 -8.80 15.13
CA GLN A 200 -2.49 -8.44 15.49
C GLN A 200 -1.67 -8.31 14.23
N VAL A 201 -0.51 -7.69 14.35
CA VAL A 201 0.44 -7.64 13.26
C VAL A 201 1.46 -8.74 13.50
N THR A 202 1.75 -9.54 12.48
CA THR A 202 2.87 -10.49 12.60
C THR A 202 3.98 -10.07 11.65
N ARG A 203 5.21 -10.44 12.00
CA ARG A 203 6.40 -10.14 11.19
C ARG A 203 7.27 -11.39 11.18
N PRO A 204 8.03 -11.60 10.09
CA PRO A 204 8.91 -12.79 10.00
C PRO A 204 9.93 -12.81 11.12
N GLN A 205 10.19 -13.99 11.68
CA GLN A 205 11.18 -14.11 12.74
C GLN A 205 12.50 -14.65 12.18
N ASN A 206 13.58 -14.49 12.95
CA ASN A 206 14.89 -15.02 12.57
C ASN A 206 15.41 -14.47 11.23
N ILE A 207 14.98 -13.27 10.90
CA ILE A 207 15.58 -12.52 9.81
C ILE A 207 16.92 -12.03 10.33
N LYS A 208 17.99 -12.27 9.57
CA LYS A 208 19.33 -11.96 10.08
C LYS A 208 19.84 -10.61 9.61
N THR A 209 19.33 -10.12 8.48
CA THR A 209 19.70 -8.80 8.00
C THR A 209 19.06 -7.73 8.88
N GLY A 210 19.54 -6.49 8.77
CA GLY A 210 19.01 -5.42 9.60
C GLY A 210 18.54 -4.21 8.79
N THR A 211 18.52 -3.06 9.46
CA THR A 211 18.00 -1.84 8.85
C THR A 211 18.76 -1.38 7.61
N ASN A 212 20.02 -1.77 7.47
CA ASN A 212 20.80 -1.29 6.34
C ASN A 212 20.90 -2.24 5.16
N ASP A 213 20.46 -3.48 5.33
CA ASP A 213 20.66 -4.47 4.28
C ASP A 213 19.47 -5.39 4.00
N THR A 214 18.31 -5.10 4.58
CA THR A 214 17.12 -5.89 4.28
C THR A 214 16.35 -5.39 3.04
N PHE A 215 16.24 -4.07 2.88
CA PHE A 215 15.57 -3.50 1.70
C PHE A 215 16.43 -2.45 1.01
N SER A 216 16.23 -2.27 -0.29
CA SER A 216 16.68 -1.05 -0.91
C SER A 216 15.49 -0.10 -0.95
N HIS A 217 15.72 1.12 -0.48
CA HIS A 217 14.74 2.20 -0.57
C HIS A 217 15.35 3.30 -1.42
N ILE A 218 15.33 3.11 -2.74
CA ILE A 218 15.85 4.12 -3.64
C ILE A 218 14.81 5.24 -3.77
N HIS A 219 14.98 6.23 -2.91
CA HIS A 219 14.06 7.36 -2.78
C HIS A 219 14.86 8.58 -2.33
N ASN A 220 15.29 9.40 -3.27
CA ASN A 220 15.94 10.65 -2.90
C ASN A 220 14.88 11.68 -2.51
N ARG A 221 14.94 12.19 -1.28
CA ARG A 221 13.90 13.08 -0.76
C ARG A 221 13.76 14.40 -1.53
N TYR A 222 14.82 14.76 -2.27
CA TYR A 222 14.81 15.99 -3.07
C TYR A 222 14.31 15.72 -4.49
N HIS A 223 14.39 14.47 -4.93
CA HIS A 223 13.91 14.09 -6.26
C HIS A 223 12.42 13.73 -6.24
N ARG A 224 12.05 12.83 -5.34
CA ARG A 224 10.64 12.48 -5.15
C ARG A 224 10.20 13.07 -3.83
N LYS A 225 9.66 14.28 -3.88
CA LYS A 225 9.35 15.03 -2.67
C LYS A 225 8.16 14.44 -1.94
N ARG A 226 8.19 14.48 -0.62
CA ARG A 226 7.05 14.05 0.16
C ARG A 226 6.09 15.23 0.32
N ASP A 227 4.84 15.03 -0.06
CA ASP A 227 3.85 16.10 0.00
C ASP A 227 3.37 16.20 1.44
N THR A 228 4.08 17.01 2.21
CA THR A 228 3.83 17.13 3.66
C THR A 228 3.06 18.38 4.03
N GLN A 229 2.62 19.13 3.04
CA GLN A 229 1.85 20.35 3.28
C GLN A 229 0.61 20.04 4.12
N LYS A 230 0.25 20.98 5.00
CA LYS A 230 -1.01 20.95 5.73
C LYS A 230 -1.80 22.19 5.35
N CYS A 231 -3.09 22.03 5.07
CA CYS A 231 -3.97 23.17 4.83
C CYS A 231 -5.33 22.82 5.43
N PHE A 232 -6.15 23.85 5.62
CA PHE A 232 -7.40 23.70 6.36
C PHE A 232 -7.08 23.05 7.70
N ASN A 233 -7.99 22.28 8.28
CA ASN A 233 -7.59 21.61 9.51
C ASN A 233 -7.19 20.17 9.29
N GLN A 234 -6.22 19.98 8.41
CA GLN A 234 -5.72 18.66 8.08
C GLN A 234 -4.96 18.07 9.27
N LYS A 235 -4.13 18.89 9.90
CA LYS A 235 -3.31 18.50 11.03
C LYS A 235 -4.17 17.87 12.10
N GLU A 236 -5.22 18.58 12.50
CA GLU A 236 -6.09 18.08 13.54
C GLU A 236 -6.91 16.87 13.10
N MET A 237 -7.45 16.92 11.90
CA MET A 237 -8.39 15.87 11.48
C MET A 237 -7.71 14.54 11.18
N THR A 238 -6.56 14.56 10.52
CA THR A 238 -5.96 13.30 10.11
C THR A 238 -5.21 12.59 11.25
N ARG A 239 -5.02 13.30 12.38
CA ARG A 239 -4.42 12.68 13.56
C ARG A 239 -5.42 11.92 14.43
N LYS A 240 -6.66 11.83 13.99
CA LYS A 240 -7.61 11.05 14.76
C LYS A 240 -8.20 9.88 13.99
N ARG A 241 -8.63 8.88 14.75
CA ARG A 241 -9.24 7.68 14.20
C ARG A 241 -10.45 8.03 13.31
N ASP A 242 -10.54 7.36 12.17
CA ASP A 242 -11.58 7.64 11.19
C ASP A 242 -12.54 6.47 11.14
N HIS A 243 -13.66 6.59 11.84
CA HIS A 243 -14.68 5.55 11.88
C HIS A 243 -15.72 5.70 10.79
N LYS A 244 -15.59 6.75 9.98
CA LYS A 244 -16.64 7.13 9.05
C LYS A 244 -16.39 6.72 7.61
N THR A 245 -15.12 6.60 7.21
CA THR A 245 -14.82 6.27 5.81
C THR A 245 -14.03 4.99 5.70
N GLY A 246 -13.95 4.46 4.48
CA GLY A 246 -13.21 3.24 4.24
C GLY A 246 -13.57 2.59 2.93
N LEU A 247 -13.32 1.29 2.86
CA LEU A 247 -13.58 0.51 1.65
C LEU A 247 -15.00 0.68 1.13
N ASP A 248 -15.96 0.75 2.05
CA ASP A 248 -17.37 0.73 1.68
C ASP A 248 -17.89 2.05 1.11
N ASN A 249 -17.13 3.14 1.26
CA ASN A 249 -17.58 4.41 0.69
C ASN A 249 -16.50 5.23 -0.04
N VAL A 250 -15.40 4.59 -0.43
CA VAL A 250 -14.44 5.29 -1.26
C VAL A 250 -15.12 5.69 -2.57
N LYS A 251 -15.00 6.96 -2.93
CA LYS A 251 -15.63 7.48 -4.15
C LYS A 251 -14.64 7.65 -5.29
N TYR A 252 -14.95 7.06 -6.44
CA TYR A 252 -14.00 7.01 -7.54
C TYR A 252 -14.59 6.47 -8.82
N LYS A 253 -13.85 6.68 -9.91
CA LYS A 253 -14.13 6.02 -11.18
C LYS A 253 -12.83 5.43 -11.71
N ILE A 254 -12.91 4.26 -12.31
CA ILE A 254 -11.77 3.73 -13.02
C ILE A 254 -11.99 4.09 -14.48
N LEU A 255 -11.24 5.07 -14.97
CA LEU A 255 -11.40 5.57 -16.33
C LEU A 255 -10.90 4.58 -17.36
N LYS A 256 -9.81 3.90 -17.06
CA LYS A 256 -9.19 3.00 -18.03
C LYS A 256 -8.45 1.88 -17.31
N VAL A 257 -8.53 0.69 -17.89
CA VAL A 257 -7.72 -0.43 -17.44
C VAL A 257 -6.76 -0.76 -18.59
N HIS A 258 -5.46 -0.71 -18.32
CA HIS A 258 -4.45 -1.03 -19.33
C HIS A 258 -3.75 -2.33 -18.97
N GLU A 259 -3.65 -3.25 -19.92
CA GLU A 259 -2.84 -4.43 -19.70
C GLU A 259 -1.44 -4.19 -20.27
N MET A 260 -0.45 -4.14 -19.39
CA MET A 260 0.91 -3.83 -19.80
C MET A 260 1.85 -5.01 -19.59
N LEU A 261 2.66 -5.32 -20.61
CA LEU A 261 3.78 -6.24 -20.44
C LEU A 261 5.07 -5.44 -20.30
N ILE A 262 5.83 -5.75 -19.26
CA ILE A 262 7.15 -5.15 -19.10
C ILE A 262 8.17 -6.26 -19.11
N ASP A 263 8.90 -6.35 -20.22
CA ASP A 263 9.76 -7.50 -20.50
C ASP A 263 9.05 -8.80 -20.16
N GLN A 264 7.89 -9.00 -20.80
CA GLN A 264 7.11 -10.23 -20.74
C GLN A 264 6.27 -10.39 -19.47
N VAL A 265 6.58 -9.60 -18.44
CA VAL A 265 5.79 -9.70 -17.20
C VAL A 265 4.52 -8.89 -17.32
N PRO A 266 3.35 -9.55 -17.18
CA PRO A 266 2.07 -8.88 -17.28
C PRO A 266 1.78 -8.08 -16.02
N VAL A 267 1.22 -6.90 -16.19
CA VAL A 267 0.98 -5.96 -15.10
C VAL A 267 -0.31 -5.23 -15.47
N THR A 268 -1.20 -4.98 -14.52
CA THR A 268 -2.42 -4.25 -14.83
C THR A 268 -2.33 -2.81 -14.33
N ILE A 269 -2.63 -1.84 -15.19
CA ILE A 269 -2.70 -0.44 -14.78
C ILE A 269 -4.15 -0.03 -14.63
N LEU A 270 -4.49 0.50 -13.47
CA LEU A 270 -5.82 1.08 -13.24
C LEU A 270 -5.68 2.58 -13.21
N ASN A 271 -6.23 3.28 -14.21
CA ASN A 271 -6.27 4.73 -14.13
C ASN A 271 -7.43 5.17 -13.25
N ILE A 272 -7.11 5.67 -12.06
CA ILE A 272 -8.11 5.91 -11.03
C ILE A 272 -8.32 7.39 -10.83
N LEU A 273 -9.59 7.81 -10.97
CA LEU A 273 -9.97 9.20 -10.75
C LEU A 273 -10.65 9.22 -9.40
N LEU A 274 -9.94 9.70 -8.38
CA LEU A 274 -10.52 9.77 -7.05
C LEU A 274 -11.38 11.00 -6.93
N ASP A 275 -12.45 10.88 -6.15
CA ASP A 275 -13.31 12.01 -5.88
C ASP A 275 -12.92 12.60 -4.53
N CYS A 276 -13.05 13.91 -4.41
CA CYS A 276 -12.82 14.55 -3.14
C CYS A 276 -14.05 15.33 -2.78
N ASP A 277 -14.52 15.14 -1.55
CA ASP A 277 -15.63 15.91 -1.03
C ASP A 277 -14.97 16.99 -0.18
N VAL A 278 -14.96 18.21 -0.71
CA VAL A 278 -14.25 19.32 -0.04
C VAL A 278 -15.01 19.81 1.18
N ASN A 279 -16.22 19.31 1.35
CA ASN A 279 -16.97 19.58 2.58
C ASN A 279 -16.43 18.76 3.75
N LYS A 280 -15.70 17.69 3.43
CA LYS A 280 -15.14 16.79 4.46
C LYS A 280 -13.61 16.81 4.52
N THR A 281 -12.96 16.72 3.36
CA THR A 281 -11.50 16.69 3.31
C THR A 281 -10.93 17.72 2.30
N PRO A 282 -11.09 19.02 2.61
CA PRO A 282 -10.64 20.07 1.69
C PRO A 282 -9.12 20.04 1.45
N TRP A 283 -8.39 19.42 2.38
CA TRP A 283 -6.94 19.29 2.25
C TRP A 283 -6.52 18.31 1.15
N CYS A 284 -7.50 17.77 0.41
CA CYS A 284 -7.20 17.03 -0.80
C CYS A 284 -6.53 17.92 -1.85
N ASP A 285 -6.65 19.23 -1.68
CA ASP A 285 -6.03 20.20 -2.58
C ASP A 285 -5.70 21.47 -1.82
N CYS A 286 -4.40 21.76 -1.69
CA CYS A 286 -3.99 22.97 -0.95
C CYS A 286 -3.67 24.13 -1.91
N SER A 287 -3.89 23.95 -3.20
CA SER A 287 -3.57 25.00 -4.17
C SER A 287 -4.43 26.25 -3.93
O1 XYP B . 8.51 10.44 15.01
C1 XYP B . 7.78 10.52 13.81
C2 XYP B . 8.58 9.84 12.72
C3 XYP B . 7.82 9.87 11.44
C4 XYP B . 6.53 9.20 11.60
C5 XYP B . 5.71 9.80 12.71
O2 XYP B . 9.84 10.53 12.55
O3 XYP B . 8.53 9.21 10.41
O4 XYP B . 5.84 9.40 10.34
O5 XYP B . 6.47 9.89 13.98
C1 XYP B . 5.48 8.18 9.80
C2 XYP B . 4.25 8.41 8.92
C3 XYP B . 3.88 7.15 8.25
C4 XYP B . 4.99 6.65 7.43
C5 XYP B . 6.28 6.46 8.27
O2 XYP B . 3.18 8.91 9.75
O3 XYP B . 2.71 7.36 7.43
O4 XYP B . 4.67 5.37 6.84
O5 XYP B . 6.61 7.66 9.05
MN MN C . 9.71 5.90 -0.34
N1 GDU D . 3.74 7.23 -4.34
C2 GDU D . 3.61 7.59 -5.63
N3 GDU D . 3.55 8.86 -6.01
C4 GDU D . 3.60 9.85 -5.10
C5 GDU D . 3.73 9.53 -3.73
C6 GDU D . 3.80 8.16 -3.38
O2 GDU D . 3.55 6.72 -6.48
O4 GDU D . 3.54 11.20 -5.48
C1D GDU D . 3.76 5.89 -3.99
C2D GDU D . 5.07 5.14 -4.21
O2D GDU D . 4.70 3.80 -4.42
C3D GDU D . 5.75 5.32 -2.93
C4D GDU D . 4.64 5.06 -1.99
O4D GDU D . 3.48 5.72 -2.56
O3D GDU D . 6.84 4.42 -2.76
C5D GDU D . 4.91 5.63 -0.62
O5D GDU D . 5.17 7.00 -0.76
PA GDU D . 6.63 7.59 -0.42
O1A GDU D . 7.74 6.63 -0.90
O2A GDU D . 6.76 8.92 -1.11
O3A GDU D . 6.76 7.80 1.19
PB GDU D . 7.76 7.06 2.18
O1B GDU D . 9.10 6.72 1.48
O2B GDU D . 8.01 7.98 3.35
O3B GDU D . 7.06 5.69 2.68
C1' GDU D . 6.35 5.59 3.91
C2' GDU D . 5.64 4.33 3.89
C3' GDU D . 4.55 4.39 2.95
C4' GDU D . 3.52 5.35 3.39
C5' GDU D . 4.09 6.84 3.38
C6' GDU D . 3.28 7.72 4.03
O2' GDU D . 6.64 3.26 3.43
O3' GDU D . 3.96 3.03 2.75
O4' GDU D . 3.12 4.97 4.72
O5' GDU D . 5.50 6.80 4.06
O6' GDU D . 2.27 8.05 3.29
CL CL E . -3.52 8.08 14.46
CL CL F . 7.01 -8.63 15.74
#